data_1VK1
#
_entry.id   1VK1
#
_cell.length_a   115.148
_cell.length_b   40.099
_cell.length_c   65.671
_cell.angle_alpha   90.00
_cell.angle_beta   122.29
_cell.angle_gamma   90.00
#
_symmetry.space_group_name_H-M   'C 1 2 1'
#
loop_
_entity.id
_entity.type
_entity.pdbx_description
1 polymer 'Conserved hypothetical protein'
2 non-polymer 'PHOSPHATE ION'
3 non-polymer 'SODIUM ION'
4 non-polymer DI(HYDROXYETHYL)ETHER
5 water water
#
_entity_poly.entity_id   1
_entity_poly.type   'polypeptide(L)'
_entity_poly.pdbx_seq_one_letter_code
;MGVEKVPKYDIPVKKVEYVFIELDKM(MLY)PHEQLVQRELEDFIESVTGSGIFWKPMLLAKIPGTDEYLIVDGHHRWAG
LQKLGAKRAPSVILDYFDEGVKVYTWYPAF(MLY)GDVN(MLY)VIERLKAEGLEVIEDEKAEE(MLY)AE(MLY)GEIA
FALIGEKSFAIPGGLEEQ(MLY)KVSKVLDEMDQA(MLY)EIELVYYGLKEDAKADMEKGEIDYVFIR(MLY)APTKEEV
MELVKRGEVFSP(MLY)TTRHVLPFIPDKIDVKLEDLF
;
_entity_poly.pdbx_strand_id   A
#
# COMPACT_ATOMS: atom_id res chain seq x y z
N ILE A 11 4.94 16.05 -12.54
CA ILE A 11 6.26 16.36 -11.91
C ILE A 11 7.42 15.77 -12.74
N PRO A 12 8.62 16.37 -12.63
CA PRO A 12 9.77 15.94 -13.42
C PRO A 12 10.35 14.61 -12.98
N VAL A 13 10.90 13.86 -13.92
CA VAL A 13 11.73 12.70 -13.62
C VAL A 13 13.12 13.20 -13.33
N LYS A 14 13.76 12.63 -12.34
CA LYS A 14 15.09 13.04 -11.93
C LYS A 14 15.94 11.82 -11.68
N LYS A 15 17.13 11.77 -12.28
CA LYS A 15 18.09 10.73 -11.94
C LYS A 15 18.65 11.05 -10.57
N VAL A 16 18.40 10.18 -9.61
CA VAL A 16 18.90 10.39 -8.25
C VAL A 16 19.91 9.31 -7.94
N GLU A 17 20.87 9.64 -7.09
CA GLU A 17 21.88 8.69 -6.73
C GLU A 17 21.28 7.76 -5.69
N TYR A 18 21.42 6.47 -5.93
CA TYR A 18 20.95 5.47 -4.97
C TYR A 18 22.13 4.92 -4.18
N VAL A 19 21.80 4.22 -3.11
CA VAL A 19 22.77 3.53 -2.31
C VAL A 19 22.20 2.16 -1.97
N PHE A 20 23.04 1.14 -1.91
CA PHE A 20 22.58 -0.17 -1.49
C PHE A 20 22.41 -0.14 0.02
N ILE A 21 21.28 -0.66 0.49
CA ILE A 21 20.97 -0.78 1.92
C ILE A 21 20.61 -2.22 2.20
N GLU A 22 21.09 -2.74 3.32
CA GLU A 22 20.77 -4.08 3.72
C GLU A 22 19.27 -4.21 4.08
N LEU A 23 18.66 -5.25 3.53
CA LEU A 23 17.22 -5.45 3.70
C LEU A 23 16.82 -5.58 5.17
N ASP A 24 17.71 -6.13 6.00
CA ASP A 24 17.42 -6.36 7.39
C ASP A 24 17.40 -5.07 8.23
N LYS A 25 17.73 -3.93 7.63
CA LYS A 25 17.65 -2.63 8.28
C LYS A 25 16.37 -1.89 7.95
N MET A 26 15.56 -2.44 7.05
CA MET A 26 14.33 -1.80 6.57
C MET A 26 13.15 -2.28 7.33
N PRO A 28 8.94 -2.19 7.73
CA PRO A 28 7.69 -1.93 7.04
C PRO A 28 6.76 -1.08 7.88
N HIS A 29 5.85 -0.39 7.20
CA HIS A 29 4.73 0.25 7.88
C HIS A 29 3.36 -0.22 7.42
N GLU A 30 3.31 -1.16 6.47
CA GLU A 30 2.04 -1.70 6.03
C GLU A 30 2.22 -3.15 5.62
N GLN A 31 1.10 -3.88 5.63
CA GLN A 31 1.03 -5.27 5.23
C GLN A 31 1.04 -5.39 3.70
N LEU A 32 1.14 -6.63 3.23
CA LEU A 32 1.27 -6.93 1.80
C LEU A 32 -0.02 -7.42 1.18
N VAL A 33 -0.09 -7.26 -0.14
CA VAL A 33 -1.11 -7.89 -1.00
C VAL A 33 -0.45 -9.08 -1.68
N GLN A 34 -1.01 -10.28 -1.50
CA GLN A 34 -0.35 -11.48 -2.01
C GLN A 34 -0.07 -11.40 -3.51
N ARG A 35 -1.02 -10.90 -4.29
CA ARG A 35 -0.82 -10.82 -5.73
C ARG A 35 0.34 -9.91 -6.08
N GLU A 36 0.47 -8.79 -5.37
CA GLU A 36 1.56 -7.85 -5.64
C GLU A 36 2.93 -8.43 -5.27
N LEU A 37 2.98 -9.21 -4.19
CA LEU A 37 4.20 -9.87 -3.78
C LEU A 37 4.63 -10.89 -4.82
N GLU A 38 3.70 -11.73 -5.23
CA GLU A 38 4.00 -12.78 -6.20
C GLU A 38 4.33 -12.22 -7.57
N ASP A 39 3.62 -11.16 -7.99
CA ASP A 39 3.94 -10.53 -9.25
C ASP A 39 5.35 -9.92 -9.26
N PHE A 40 5.74 -9.24 -8.17
CA PHE A 40 7.08 -8.70 -8.08
C PHE A 40 8.11 -9.83 -8.22
N ILE A 41 7.91 -10.92 -7.47
CA ILE A 41 8.88 -12.01 -7.50
C ILE A 41 9.00 -12.58 -8.92
N GLU A 42 7.86 -12.79 -9.56
CA GLU A 42 7.85 -13.28 -10.95
C GLU A 42 8.59 -12.33 -11.90
N SER A 43 8.33 -11.04 -11.77
CA SER A 43 8.94 -10.05 -12.66
C SER A 43 10.47 -9.93 -12.47
N VAL A 44 10.91 -9.84 -11.23
CA VAL A 44 12.32 -9.64 -10.98
C VAL A 44 13.12 -10.87 -11.36
N THR A 45 12.57 -12.06 -11.12
CA THR A 45 13.28 -13.29 -11.52
C THR A 45 13.21 -13.51 -13.02
N GLY A 46 12.10 -13.16 -13.66
CA GLY A 46 11.99 -13.33 -15.09
C GLY A 46 12.83 -12.37 -15.90
N SER A 47 12.88 -11.11 -15.46
CA SER A 47 13.67 -10.09 -16.15
C SER A 47 15.10 -10.06 -15.71
N GLY A 48 15.36 -10.52 -14.48
CA GLY A 48 16.68 -10.41 -13.88
C GLY A 48 17.13 -9.02 -13.47
N ILE A 49 16.21 -8.03 -13.49
CA ILE A 49 16.59 -6.64 -13.26
C ILE A 49 15.68 -6.02 -12.19
N PHE A 50 16.29 -5.35 -11.23
CA PHE A 50 15.60 -4.55 -10.24
C PHE A 50 15.72 -3.11 -10.68
N TRP A 51 14.60 -2.48 -10.98
CA TRP A 51 14.67 -1.16 -11.62
C TRP A 51 14.03 -0.01 -10.87
N LYS A 52 13.37 -0.30 -9.76
CA LYS A 52 12.66 0.73 -9.02
C LYS A 52 13.22 0.80 -7.62
N PRO A 53 13.98 1.86 -7.28
CA PRO A 53 14.68 1.87 -5.99
C PRO A 53 13.69 1.91 -4.83
N MET A 54 14.09 1.33 -3.73
CA MET A 54 13.39 1.55 -2.48
C MET A 54 13.41 3.03 -2.16
N LEU A 55 12.36 3.53 -1.54
CA LEU A 55 12.41 4.84 -0.88
C LEU A 55 12.38 4.61 0.60
N LEU A 56 13.38 5.17 1.29
CA LEU A 56 13.60 4.95 2.71
C LEU A 56 13.76 6.26 3.43
N ALA A 57 13.54 6.24 4.74
CA ALA A 57 13.84 7.37 5.62
C ALA A 57 14.39 6.83 6.92
N LYS A 58 15.44 7.42 7.44
CA LYS A 58 16.01 6.93 8.68
C LYS A 58 15.04 7.16 9.85
N ILE A 59 14.92 6.17 10.71
CA ILE A 59 14.14 6.29 11.94
C ILE A 59 15.04 6.94 12.99
N PRO A 60 14.64 8.10 13.54
CA PRO A 60 15.50 8.82 14.51
C PRO A 60 15.94 7.95 15.69
N GLY A 61 17.19 8.14 16.10
CA GLY A 61 17.76 7.39 17.21
C GLY A 61 18.17 5.95 16.89
N THR A 62 18.06 5.55 15.61
CA THR A 62 18.45 4.22 15.18
C THR A 62 19.29 4.30 13.94
N ASP A 63 19.85 3.17 13.56
CA ASP A 63 20.43 3.03 12.23
C ASP A 63 19.53 2.16 11.33
N GLU A 64 18.23 2.23 11.56
CA GLU A 64 17.24 1.51 10.79
C GLU A 64 16.45 2.52 9.94
N TYR A 65 15.74 2.00 8.95
CA TYR A 65 14.99 2.80 8.00
C TYR A 65 13.54 2.42 7.95
N LEU A 66 12.68 3.43 7.92
CA LEU A 66 11.30 3.30 7.50
C LEU A 66 11.27 3.04 6.02
N ILE A 67 10.54 1.99 5.62
CA ILE A 67 10.20 1.81 4.22
C ILE A 67 9.12 2.84 3.90
N VAL A 68 9.44 3.77 3.02
CA VAL A 68 8.47 4.77 2.54
C VAL A 68 7.71 4.14 1.38
N ASP A 69 8.45 3.61 0.41
CA ASP A 69 7.89 2.93 -0.73
C ASP A 69 8.73 1.72 -1.06
N GLY A 70 8.06 0.59 -1.30
CA GLY A 70 8.73 -0.63 -1.72
C GLY A 70 8.54 -1.83 -0.82
N HIS A 71 7.43 -1.93 -0.10
CA HIS A 71 7.18 -3.07 0.77
C HIS A 71 7.21 -4.40 0.03
N HIS A 72 6.58 -4.46 -1.15
CA HIS A 72 6.52 -5.71 -1.89
C HIS A 72 7.87 -6.07 -2.47
N ARG A 73 8.64 -5.07 -2.90
CA ARG A 73 10.01 -5.29 -3.36
C ARG A 73 10.92 -5.79 -2.26
N TRP A 74 10.86 -5.17 -1.09
CA TRP A 74 11.63 -5.62 0.07
C TRP A 74 11.26 -7.03 0.49
N ALA A 75 9.97 -7.29 0.60
CA ALA A 75 9.52 -8.59 1.07
C ALA A 75 9.84 -9.67 0.03
N GLY A 76 9.69 -9.35 -1.26
CA GLY A 76 10.01 -10.30 -2.30
C GLY A 76 11.49 -10.64 -2.34
N LEU A 77 12.33 -9.63 -2.19
CA LEU A 77 13.76 -9.85 -2.13
C LEU A 77 14.15 -10.68 -0.92
N GLN A 78 13.55 -10.40 0.23
CA GLN A 78 13.81 -11.21 1.42
C GLN A 78 13.41 -12.65 1.18
N LYS A 79 12.24 -12.86 0.58
CA LYS A 79 11.75 -14.22 0.29
C LYS A 79 12.70 -14.96 -0.64
N LEU A 80 13.30 -14.23 -1.59
CA LEU A 80 14.25 -14.82 -2.54
C LEU A 80 15.63 -15.09 -1.93
N GLY A 81 15.88 -14.58 -0.74
CA GLY A 81 17.15 -14.75 -0.05
C GLY A 81 18.20 -13.68 -0.37
N ALA A 82 17.79 -12.53 -0.90
CA ALA A 82 18.71 -11.45 -1.19
C ALA A 82 19.13 -10.75 0.10
N LYS A 83 20.12 -9.89 -0.02
CA LYS A 83 20.71 -9.20 1.11
C LYS A 83 20.53 -7.69 1.12
N ARG A 84 20.46 -7.07 -0.05
CA ARG A 84 20.47 -5.62 -0.14
C ARG A 84 19.55 -5.16 -1.26
N ALA A 85 19.21 -3.88 -1.25
CA ALA A 85 18.49 -3.31 -2.37
C ALA A 85 18.92 -1.86 -2.58
N PRO A 86 18.98 -1.43 -3.84
CA PRO A 86 19.23 -0.02 -4.13
C PRO A 86 18.10 0.87 -3.63
N SER A 87 18.48 1.95 -2.97
CA SER A 87 17.58 2.78 -2.21
C SER A 87 17.89 4.26 -2.36
N VAL A 88 16.84 5.07 -2.25
CA VAL A 88 16.95 6.51 -2.16
C VAL A 88 16.56 6.86 -0.74
N ILE A 89 17.43 7.59 -0.05
CA ILE A 89 17.20 7.99 1.33
C ILE A 89 16.63 9.41 1.38
N LEU A 90 15.46 9.55 1.96
CA LEU A 90 14.69 10.79 2.04
C LEU A 90 14.74 11.35 3.46
N ASP A 91 14.55 12.67 3.58
CA ASP A 91 14.18 13.27 4.85
C ASP A 91 12.65 13.23 4.89
N TYR A 92 12.12 12.36 5.73
CA TYR A 92 10.68 12.08 5.69
C TYR A 92 9.84 13.34 5.98
N PHE A 93 10.34 14.24 6.82
CA PHE A 93 9.55 15.41 7.26
C PHE A 93 9.86 16.66 6.46
N ASP A 94 10.56 16.48 5.36
CA ASP A 94 10.64 17.51 4.35
C ASP A 94 9.25 17.72 3.77
N GLU A 95 8.86 18.99 3.57
CA GLU A 95 7.52 19.33 3.06
C GLU A 95 7.23 18.77 1.65
N GLY A 96 8.29 18.50 0.91
CA GLY A 96 8.17 17.93 -0.42
C GLY A 96 7.67 16.49 -0.44
N VAL A 97 7.82 15.76 0.70
CA VAL A 97 7.33 14.38 0.81
C VAL A 97 5.88 14.47 1.26
N LYS A 98 4.96 14.00 0.42
CA LYS A 98 3.53 14.00 0.76
C LYS A 98 3.00 12.58 0.82
N VAL A 99 2.03 12.35 1.68
CA VAL A 99 1.40 11.06 1.82
C VAL A 99 -0.10 11.14 1.59
N TYR A 100 -0.60 10.20 0.82
CA TYR A 100 -2.01 10.02 0.51
C TYR A 100 -2.34 8.54 0.80
N THR A 101 -3.46 8.04 0.30
CA THR A 101 -3.76 6.62 0.43
C THR A 101 -4.14 6.02 -0.91
N TRP A 102 -4.38 4.71 -0.91
CA TRP A 102 -4.95 4.01 -2.04
C TRP A 102 -6.39 3.64 -1.75
N TYR A 103 -7.15 3.44 -2.81
CA TYR A 103 -8.57 3.11 -2.72
C TYR A 103 -8.79 1.71 -3.30
N PRO A 104 -8.94 0.69 -2.45
CA PRO A 104 -9.25 -0.67 -2.93
C PRO A 104 -10.61 -0.64 -3.55
N ALA A 105 -10.72 -1.18 -4.74
CA ALA A 105 -11.99 -1.25 -5.46
C ALA A 105 -12.13 -2.62 -6.06
N PHE A 106 -13.35 -3.04 -6.33
CA PHE A 106 -13.50 -4.37 -6.94
C PHE A 106 -14.51 -4.45 -7.99
N GLY A 108 -17.07 -7.28 -8.98
CA GLY A 108 -17.67 -8.43 -8.34
C GLY A 108 -18.98 -8.13 -7.65
N ASP A 109 -19.44 -9.10 -6.86
CA ASP A 109 -20.74 -9.07 -6.22
C ASP A 109 -20.62 -8.57 -4.78
N VAL A 110 -21.10 -7.36 -4.52
CA VAL A 110 -20.98 -6.75 -3.20
C VAL A 110 -21.67 -7.59 -2.12
N ASN A 111 -22.74 -8.30 -2.48
CA ASN A 111 -23.40 -9.12 -1.49
C ASN A 111 -22.51 -10.27 -1.00
N VAL A 113 -19.16 -10.09 -1.04
CA VAL A 113 -18.13 -9.42 -0.25
C VAL A 113 -18.67 -9.14 1.17
N ILE A 114 -19.88 -8.59 1.26
CA ILE A 114 -20.47 -8.27 2.57
C ILE A 114 -20.63 -9.52 3.42
N GLU A 115 -21.11 -10.62 2.83
CA GLU A 115 -21.22 -11.87 3.60
C GLU A 115 -19.87 -12.30 4.18
N ARG A 116 -18.82 -12.21 3.37
CA ARG A 116 -17.51 -12.59 3.82
C ARG A 116 -16.97 -11.66 4.91
N LEU A 117 -17.25 -10.37 4.78
CA LEU A 117 -16.87 -9.40 5.82
C LEU A 117 -17.58 -9.72 7.13
N LYS A 118 -18.87 -10.01 7.06
CA LYS A 118 -19.63 -10.31 8.28
C LYS A 118 -19.13 -11.61 8.92
N ALA A 119 -18.71 -12.57 8.09
CA ALA A 119 -18.16 -13.83 8.60
C ALA A 119 -16.87 -13.63 9.40
N GLU A 120 -16.17 -12.52 9.16
CA GLU A 120 -14.96 -12.19 9.90
C GLU A 120 -15.22 -11.34 11.14
N GLY A 121 -16.49 -11.13 11.47
CA GLY A 121 -16.87 -10.40 12.67
C GLY A 121 -17.06 -8.91 12.47
N LEU A 122 -17.07 -8.45 11.22
CA LEU A 122 -17.28 -7.05 10.94
C LEU A 122 -18.74 -6.70 10.81
N GLU A 123 -19.07 -5.46 11.10
CA GLU A 123 -20.38 -4.93 10.81
C GLU A 123 -20.33 -4.16 9.52
N VAL A 124 -21.41 -4.25 8.76
CA VAL A 124 -21.57 -3.50 7.54
C VAL A 124 -22.95 -2.87 7.58
N ILE A 125 -22.99 -1.55 7.74
CA ILE A 125 -24.21 -0.82 8.08
C ILE A 125 -24.53 0.20 7.01
N GLU A 126 -25.74 0.13 6.44
CA GLU A 126 -26.09 1.13 5.47
C GLU A 126 -26.11 2.51 6.17
N ASP A 127 -25.42 3.46 5.58
CA ASP A 127 -25.22 4.77 6.20
C ASP A 127 -24.81 5.75 5.14
N GLU A 128 -25.69 6.71 4.84
CA GLU A 128 -25.43 7.69 3.80
C GLU A 128 -24.25 8.62 4.11
N LYS A 129 -23.85 8.68 5.38
CA LYS A 129 -22.69 9.49 5.80
C LYS A 129 -21.39 8.69 5.91
N ALA A 130 -21.39 7.46 5.42
CA ALA A 130 -20.23 6.59 5.60
C ALA A 130 -18.94 7.19 5.05
N GLU A 131 -18.98 7.76 3.86
CA GLU A 131 -17.76 8.30 3.25
C GLU A 131 -17.17 9.44 4.10
N GLU A 132 -18.04 10.34 4.57
CA GLU A 132 -17.63 11.46 5.43
C GLU A 132 -17.01 10.94 6.72
N ALA A 134 -15.67 7.98 7.24
CA ALA A 134 -14.39 7.33 6.91
C ALA A 134 -13.26 8.34 6.74
N GLU A 135 -13.54 9.41 6.03
CA GLU A 135 -12.54 10.44 5.77
C GLU A 135 -12.14 11.20 7.04
N GLY A 137 -11.79 9.56 9.84
CA GLY A 137 -11.15 8.56 10.67
C GLY A 137 -12.02 7.97 11.74
N GLU A 138 -13.34 8.04 11.56
CA GLU A 138 -14.30 7.58 12.58
C GLU A 138 -14.71 6.13 12.43
N ILE A 139 -14.54 5.58 11.23
CA ILE A 139 -14.83 4.19 10.94
C ILE A 139 -13.68 3.62 10.17
N ALA A 140 -13.65 2.31 10.02
CA ALA A 140 -12.55 1.64 9.36
C ALA A 140 -12.53 1.92 7.85
N PHE A 141 -13.68 1.72 7.21
CA PHE A 141 -13.83 1.98 5.80
C PHE A 141 -15.28 2.35 5.53
N ALA A 142 -15.48 3.19 4.52
CA ALA A 142 -16.75 3.27 3.84
C ALA A 142 -16.68 2.36 2.62
N LEU A 143 -17.80 1.72 2.31
CA LEU A 143 -17.92 0.86 1.14
C LEU A 143 -18.99 1.54 0.27
N ILE A 144 -18.54 2.11 -0.86
CA ILE A 144 -19.34 3.06 -1.64
C ILE A 144 -19.52 2.55 -3.06
N GLY A 145 -20.78 2.48 -3.47
CA GLY A 145 -21.17 2.06 -4.81
C GLY A 145 -22.60 2.53 -5.04
N GLU A 146 -23.45 1.62 -5.52
CA GLU A 146 -24.88 1.92 -5.64
C GLU A 146 -25.45 2.30 -4.29
N LYS A 147 -25.04 1.57 -3.24
CA LYS A 147 -25.38 1.87 -1.86
C LYS A 147 -24.12 2.37 -1.12
N SER A 148 -24.33 2.88 0.09
CA SER A 148 -23.25 3.44 0.90
C SER A 148 -23.29 2.75 2.25
N PHE A 149 -22.19 2.07 2.61
CA PHE A 149 -22.10 1.34 3.87
C PHE A 149 -20.94 1.81 4.72
N ALA A 150 -21.15 1.81 6.02
CA ALA A 150 -20.08 2.03 7.01
C ALA A 150 -19.62 0.70 7.57
N ILE A 151 -18.30 0.54 7.67
CA ILE A 151 -17.69 -0.58 8.38
C ILE A 151 -17.03 0.00 9.61
N PRO A 152 -17.66 -0.08 10.76
CA PRO A 152 -17.12 0.54 11.95
C PRO A 152 -15.83 -0.09 12.41
N GLY A 153 -15.06 0.69 13.13
CA GLY A 153 -13.82 0.24 13.70
C GLY A 153 -12.65 1.15 13.39
N GLY A 154 -11.46 0.57 13.50
CA GLY A 154 -10.22 1.27 13.27
C GLY A 154 -9.22 0.36 12.60
N LEU A 155 -7.99 0.43 13.06
CA LEU A 155 -6.90 -0.28 12.42
C LEU A 155 -7.13 -1.77 12.25
N GLU A 156 -7.56 -2.42 13.29
CA GLU A 156 -7.73 -3.87 13.26
C GLU A 156 -8.85 -4.27 12.29
N GLU A 157 -9.92 -3.49 12.26
CA GLU A 157 -11.00 -3.75 11.33
C GLU A 157 -10.55 -3.51 9.88
N GLN A 158 -9.71 -2.50 9.67
CA GLN A 158 -9.16 -2.29 8.31
C GLN A 158 -8.36 -3.53 7.88
N LYS A 160 -8.88 -6.63 8.87
CA LYS A 160 -9.86 -7.70 8.60
C LYS A 160 -10.49 -7.52 7.23
N VAL A 161 -10.86 -6.29 6.88
CA VAL A 161 -11.40 -6.01 5.56
C VAL A 161 -10.38 -6.41 4.49
N SER A 162 -9.15 -5.97 4.66
CA SER A 162 -8.11 -6.23 3.66
C SER A 162 -7.80 -7.71 3.51
N LYS A 163 -7.85 -8.46 4.61
CA LYS A 163 -7.63 -9.92 4.56
C LYS A 163 -8.73 -10.58 3.71
N VAL A 164 -9.97 -10.21 3.94
CA VAL A 164 -11.09 -10.73 3.13
C VAL A 164 -10.88 -10.40 1.65
N LEU A 165 -10.55 -9.15 1.36
CA LEU A 165 -10.32 -8.79 -0.03
C LEU A 165 -9.19 -9.56 -0.69
N ASP A 166 -8.09 -9.77 0.02
CA ASP A 166 -6.96 -10.52 -0.51
C ASP A 166 -7.39 -11.97 -0.79
N GLU A 167 -8.13 -12.57 0.12
CA GLU A 167 -8.62 -13.93 -0.09
C GLU A 167 -9.54 -14.05 -1.29
N MET A 168 -10.45 -13.08 -1.44
CA MET A 168 -11.39 -13.11 -2.55
C MET A 168 -10.68 -12.82 -3.88
N ASP A 169 -9.64 -11.98 -3.84
CA ASP A 169 -8.77 -11.69 -4.98
C ASP A 169 -8.07 -12.99 -5.41
N GLN A 170 -7.45 -13.66 -4.48
CA GLN A 170 -6.75 -14.90 -4.78
C GLN A 170 -7.66 -16.00 -5.33
N ALA A 171 -8.90 -16.06 -4.83
CA ALA A 171 -9.89 -17.04 -5.27
C ALA A 171 -10.57 -16.63 -6.56
N GLU A 173 -12.87 -14.56 -6.90
CA GLU A 173 -14.26 -14.25 -6.66
C GLU A 173 -14.56 -12.81 -7.03
N ILE A 174 -13.56 -11.95 -6.87
CA ILE A 174 -13.60 -10.57 -7.32
C ILE A 174 -12.29 -10.28 -8.03
N GLU A 175 -12.27 -9.17 -8.78
CA GLU A 175 -11.02 -8.57 -9.22
C GLU A 175 -10.77 -7.36 -8.30
N LEU A 176 -9.61 -7.33 -7.70
CA LEU A 176 -9.25 -6.35 -6.67
C LEU A 176 -8.25 -5.43 -7.29
N VAL A 177 -8.58 -4.13 -7.38
CA VAL A 177 -7.65 -3.14 -7.89
C VAL A 177 -7.54 -2.00 -6.91
N TYR A 178 -6.40 -1.34 -6.92
CA TYR A 178 -6.15 -0.24 -6.01
C TYR A 178 -5.99 1.04 -6.81
N TYR A 179 -6.88 2.03 -6.57
CA TYR A 179 -6.83 3.34 -7.23
C TYR A 179 -6.06 4.34 -6.39
N GLY A 180 -5.18 5.12 -7.03
CA GLY A 180 -4.49 6.20 -6.33
C GLY A 180 -5.41 7.35 -5.94
N LEU A 181 -6.39 7.64 -6.82
CA LEU A 181 -7.28 8.76 -6.64
C LEU A 181 -8.72 8.33 -6.52
N LYS A 182 -9.41 8.83 -5.50
CA LYS A 182 -10.80 8.48 -5.25
C LYS A 182 -11.69 8.86 -6.43
N GLU A 183 -11.37 9.99 -7.07
CA GLU A 183 -12.12 10.50 -8.22
C GLU A 183 -12.06 9.54 -9.39
N ASP A 184 -10.90 8.93 -9.60
CA ASP A 184 -10.73 7.92 -10.65
C ASP A 184 -11.57 6.67 -10.38
N ALA A 185 -11.58 6.21 -9.14
CA ALA A 185 -12.41 5.06 -8.77
C ALA A 185 -13.88 5.37 -9.04
N LYS A 186 -14.31 6.56 -8.63
CA LYS A 186 -15.70 6.97 -8.83
C LYS A 186 -16.06 7.10 -10.32
N ALA A 187 -15.14 7.65 -11.10
CA ALA A 187 -15.32 7.77 -12.56
C ALA A 187 -15.45 6.39 -13.21
N ASP A 188 -14.65 5.42 -12.76
CA ASP A 188 -14.71 4.06 -13.30
C ASP A 188 -15.96 3.30 -12.86
N MET A 189 -16.49 3.61 -11.66
CA MET A 189 -17.76 3.06 -11.24
C MET A 189 -18.89 3.57 -12.13
N GLU A 190 -18.83 4.86 -12.46
CA GLU A 190 -19.83 5.47 -13.37
C GLU A 190 -19.83 4.74 -14.70
N LYS A 191 -18.62 4.44 -15.22
CA LYS A 191 -18.46 3.73 -16.49
C LYS A 191 -18.78 2.22 -16.42
N GLY A 192 -18.97 1.70 -15.21
CA GLY A 192 -19.28 0.28 -15.02
C GLY A 192 -18.05 -0.63 -15.05
N GLU A 193 -16.86 -0.04 -14.92
CA GLU A 193 -15.59 -0.81 -14.86
C GLU A 193 -15.37 -1.46 -13.49
N ILE A 194 -15.84 -0.80 -12.41
CA ILE A 194 -15.81 -1.37 -11.04
C ILE A 194 -17.18 -1.18 -10.40
N ASP A 195 -17.46 -1.95 -9.37
CA ASP A 195 -18.76 -1.92 -8.71
C ASP A 195 -18.75 -1.09 -7.42
N TYR A 196 -17.71 -1.26 -6.60
CA TYR A 196 -17.62 -0.61 -5.28
C TYR A 196 -16.20 -0.20 -5.00
N VAL A 197 -16.05 0.85 -4.19
CA VAL A 197 -14.75 1.32 -3.72
C VAL A 197 -14.77 1.43 -2.20
N PHE A 198 -13.65 1.10 -1.59
CA PHE A 198 -13.44 1.24 -0.17
C PHE A 198 -12.68 2.53 0.09
N ILE A 199 -13.22 3.36 0.95
CA ILE A 199 -12.63 4.66 1.28
C ILE A 199 -12.23 4.70 2.73
N ARG A 200 -10.98 5.06 2.97
CA ARG A 200 -10.47 5.32 4.31
C ARG A 200 -9.69 6.61 4.33
N ALA A 202 -6.40 8.79 4.83
CA ALA A 202 -4.95 8.63 4.76
C ALA A 202 -4.32 8.94 6.11
N PRO A 203 -3.26 8.23 6.50
CA PRO A 203 -2.51 8.65 7.68
C PRO A 203 -1.72 9.92 7.37
N THR A 204 -1.32 10.63 8.41
CA THR A 204 -0.31 11.65 8.27
C THR A 204 1.10 11.03 8.34
N LYS A 205 2.09 11.77 7.90
CA LYS A 205 3.47 11.31 8.04
C LYS A 205 3.82 11.07 9.49
N GLU A 206 3.36 11.94 10.39
CA GLU A 206 3.61 11.74 11.80
C GLU A 206 3.03 10.41 12.30
N GLU A 207 1.82 10.06 11.85
CA GLU A 207 1.21 8.79 12.21
C GLU A 207 2.00 7.59 11.66
N VAL A 208 2.51 7.71 10.44
CA VAL A 208 3.33 6.64 9.86
C VAL A 208 4.60 6.42 10.68
N MET A 209 5.31 7.50 11.00
CA MET A 209 6.54 7.36 11.75
C MET A 209 6.25 6.86 13.18
N GLU A 210 5.17 7.34 13.80
CA GLU A 210 4.79 6.83 15.12
C GLU A 210 4.51 5.33 15.11
N LEU A 211 3.84 4.86 14.06
CA LEU A 211 3.51 3.47 13.95
C LEU A 211 4.78 2.62 13.82
N VAL A 212 5.68 3.01 12.94
CA VAL A 212 6.89 2.23 12.74
C VAL A 212 7.75 2.25 14.00
N LYS A 213 7.72 3.35 14.74
CA LYS A 213 8.48 3.44 15.98
C LYS A 213 7.93 2.53 17.07
N ARG A 214 6.66 2.13 16.99
CA ARG A 214 6.14 1.16 17.95
C ARG A 214 6.06 -0.26 17.40
N GLY A 215 6.63 -0.50 16.21
CA GLY A 215 6.76 -1.84 15.66
C GLY A 215 5.48 -2.37 14.99
N GLU A 216 4.55 -1.47 14.68
CA GLU A 216 3.25 -1.88 14.11
C GLU A 216 3.18 -1.55 12.63
N VAL A 217 2.20 -2.15 11.96
CA VAL A 217 1.93 -1.94 10.56
C VAL A 217 0.45 -1.68 10.33
N PHE A 218 0.17 -0.86 9.31
CA PHE A 218 -1.16 -0.66 8.79
C PHE A 218 -1.58 -1.85 7.92
N SER A 219 -2.85 -1.87 7.53
CA SER A 219 -3.32 -2.81 6.54
C SER A 219 -2.69 -2.46 5.18
N PRO A 220 -2.76 -3.36 4.21
CA PRO A 220 -2.09 -3.12 2.92
C PRO A 220 -2.54 -1.87 2.23
N THR A 222 -2.09 1.26 2.61
CA THR A 222 -2.54 2.39 3.39
C THR A 222 -1.90 3.71 2.96
N THR A 223 -0.62 3.69 2.61
CA THR A 223 0.04 4.91 2.20
C THR A 223 0.31 4.95 0.71
N ARG A 224 0.28 6.15 0.17
CA ARG A 224 0.69 6.41 -1.19
C ARG A 224 1.50 7.70 -1.15
N HIS A 225 2.81 7.60 -1.23
CA HIS A 225 3.70 8.75 -1.09
C HIS A 225 4.01 9.36 -2.44
N VAL A 226 4.12 10.68 -2.45
CA VAL A 226 4.47 11.46 -3.64
C VAL A 226 5.61 12.42 -3.28
N LEU A 227 6.62 12.51 -4.15
CA LEU A 227 7.76 13.41 -3.97
C LEU A 227 7.64 14.55 -5.01
N PRO A 228 8.49 15.56 -4.94
CA PRO A 228 8.49 16.62 -5.95
C PRO A 228 8.97 16.17 -7.33
N PHE A 229 9.54 14.96 -7.39
CA PHE A 229 10.06 14.40 -8.62
C PHE A 229 9.79 12.92 -8.63
N ILE A 230 9.95 12.32 -9.79
CA ILE A 230 9.88 10.88 -9.94
C ILE A 230 11.31 10.36 -10.09
N PRO A 231 11.77 9.47 -9.21
CA PRO A 231 13.09 8.88 -9.39
C PRO A 231 13.16 8.14 -10.71
N ASP A 232 14.19 8.39 -11.51
CA ASP A 232 14.32 7.67 -12.78
C ASP A 232 14.61 6.21 -12.47
N LYS A 233 14.23 5.34 -13.37
CA LYS A 233 14.45 3.92 -13.14
C LYS A 233 15.93 3.62 -13.22
N ILE A 234 16.31 2.54 -12.57
CA ILE A 234 17.68 2.13 -12.47
C ILE A 234 17.79 0.75 -13.14
N ASP A 235 18.98 0.23 -13.18
CA ASP A 235 19.25 -0.98 -13.93
C ASP A 235 20.23 -1.84 -13.17
N VAL A 236 19.72 -2.50 -12.12
CA VAL A 236 20.55 -3.30 -11.23
C VAL A 236 20.23 -4.77 -11.41
N LYS A 237 21.26 -5.59 -11.62
CA LYS A 237 21.06 -7.01 -11.77
C LYS A 237 20.63 -7.64 -10.49
N LEU A 238 19.64 -8.52 -10.56
CA LEU A 238 19.17 -9.23 -9.39
C LEU A 238 20.32 -9.93 -8.65
N GLU A 239 21.28 -10.52 -9.39
CA GLU A 239 22.40 -11.23 -8.74
C GLU A 239 23.22 -10.32 -7.83
N ASP A 240 23.28 -9.04 -8.17
CA ASP A 240 24.04 -8.07 -7.37
C ASP A 240 23.39 -7.76 -6.02
N LEU A 241 22.17 -8.26 -5.78
CA LEU A 241 21.47 -8.04 -4.53
C LEU A 241 21.72 -9.12 -3.52
N PHE A 242 22.46 -10.16 -3.94
CA PHE A 242 22.74 -11.32 -3.11
C PHE A 242 24.12 -11.25 -2.53
#